data_8XRR
#
_entry.id   8XRR
#
_cell.length_a   53.970
_cell.length_b   72.990
_cell.length_c   99.550
_cell.angle_alpha   90.00
_cell.angle_beta   90.00
_cell.angle_gamma   90.00
#
_symmetry.space_group_name_H-M   'P 21 21 21'
#
loop_
_entity.id
_entity.type
_entity.pdbx_description
1 polymer 'Platelet-derived growth factor receptor alpha'
2 non-polymer RH140
3 water water
#
_entity_poly.entity_id   1
_entity_poly.type   'polypeptide(L)'
_entity_poly.pdbx_seq_one_letter_code
;GAMDKQKPRYEIRWRVIESISPDGHEYIYVDPMQLPYDSRWEFPRDGLVLGRVLGSGAFGKVVEGTAYGLSRSQPVMKVA
VKMLKPTARSSSKQALMSELKIMTHLGPHLNIVNLLGACTKSGPIYIIIEYCFYGDLVNYLHKNRDSFLSHKKKSMLDSE
VKNLLSDDNSEGLTLLDLLSFTYQVARGMEFLASKNCVHRDLAARNVLLAQGKIVKICDFGLARDIMHDSNYVSKGSTFL
PVKWMAPESIFDNLYTTLSDVWSYGILLWEIFSLGGTPYPGMMVDSTFYNKIKSGYRMAKPDHATSEVYEIMVKCWNSEP
EKRPSFYHLSEIVENLLPGQYKKSYEKIHLDFLKSD
;
_entity_poly.pdbx_strand_id   A
#
loop_
_chem_comp.id
_chem_comp.type
_chem_comp.name
_chem_comp.formula
A1LV8 non-polymer RH140 'C24 H25 N5 O'
#
# COMPACT_ATOMS: atom_id res chain seq x y z
N GLY A 24 1.80 -35.48 6.28
CA GLY A 24 0.54 -34.78 6.08
C GLY A 24 0.32 -34.41 4.64
N HIS A 25 0.35 -35.39 3.76
CA HIS A 25 0.13 -35.14 2.34
C HIS A 25 -1.28 -34.64 2.11
N GLU A 26 -2.18 -34.97 3.04
CA GLU A 26 -3.56 -34.57 2.89
C GLU A 26 -3.76 -33.10 3.16
N TYR A 27 -2.78 -32.48 3.81
CA TYR A 27 -2.88 -31.07 4.15
C TYR A 27 -1.90 -30.30 3.31
N ILE A 28 -2.42 -29.40 2.47
CA ILE A 28 -1.56 -28.67 1.56
C ILE A 28 -1.82 -27.18 1.57
N TYR A 29 -0.91 -26.42 0.98
CA TYR A 29 -1.07 -24.99 0.90
C TYR A 29 -1.77 -24.61 -0.37
N VAL A 30 -2.85 -23.85 -0.25
CA VAL A 30 -3.58 -23.40 -1.42
C VAL A 30 -2.92 -22.17 -2.01
N ASP A 31 -2.20 -22.34 -3.11
CA ASP A 31 -1.57 -21.21 -3.77
C ASP A 31 -2.61 -20.45 -4.56
N PRO A 32 -2.77 -19.16 -4.27
CA PRO A 32 -3.75 -18.35 -5.00
C PRO A 32 -3.34 -18.18 -6.44
N MET A 33 -2.11 -18.53 -6.77
CA MET A 33 -1.62 -18.41 -8.13
C MET A 33 -2.06 -19.59 -8.97
N GLN A 34 -2.51 -20.64 -8.32
CA GLN A 34 -2.90 -21.84 -9.03
C GLN A 34 -4.39 -21.96 -9.04
N LEU A 35 -5.06 -21.00 -8.41
CA LEU A 35 -6.50 -21.00 -8.39
C LEU A 35 -7.02 -20.40 -9.68
N PRO A 36 -8.20 -20.83 -10.10
CA PRO A 36 -8.77 -20.31 -11.35
C PRO A 36 -9.26 -18.89 -11.20
N TYR A 37 -9.38 -18.17 -12.31
CA TYR A 37 -9.88 -16.81 -12.28
C TYR A 37 -11.39 -16.80 -12.45
N ASP A 38 -12.09 -16.23 -11.49
CA ASP A 38 -13.53 -16.15 -11.59
C ASP A 38 -13.88 -15.13 -12.65
N SER A 39 -14.66 -15.55 -13.63
CA SER A 39 -15.00 -14.66 -14.73
C SER A 39 -15.99 -13.62 -14.26
N ARG A 40 -16.42 -13.71 -13.01
CA ARG A 40 -17.32 -12.73 -12.47
C ARG A 40 -16.67 -11.37 -12.52
N TRP A 41 -15.36 -11.36 -12.68
CA TRP A 41 -14.63 -10.11 -12.67
C TRP A 41 -14.43 -9.52 -14.06
N GLU A 42 -14.82 -10.26 -15.09
CA GLU A 42 -14.56 -9.78 -16.46
C GLU A 42 -15.41 -8.59 -16.86
N PHE A 43 -14.78 -7.60 -17.46
CA PHE A 43 -15.50 -6.43 -17.92
C PHE A 43 -15.22 -6.24 -19.39
N PRO A 44 -16.28 -5.94 -20.17
CA PRO A 44 -16.05 -5.69 -21.59
C PRO A 44 -15.07 -4.55 -21.80
N ARG A 45 -14.09 -4.76 -22.66
CA ARG A 45 -13.10 -3.73 -22.91
C ARG A 45 -13.74 -2.54 -23.61
N ASP A 46 -14.88 -2.76 -24.24
CA ASP A 46 -15.58 -1.68 -24.93
C ASP A 46 -16.36 -0.82 -23.96
N GLY A 47 -16.42 -1.23 -22.69
CA GLY A 47 -17.11 -0.43 -21.70
C GLY A 47 -16.14 0.43 -20.94
N LEU A 48 -14.87 0.38 -21.29
CA LEU A 48 -13.87 1.13 -20.56
C LEU A 48 -13.17 2.19 -21.39
N VAL A 49 -13.26 3.44 -20.96
CA VAL A 49 -12.59 4.51 -21.65
C VAL A 49 -11.35 4.87 -20.88
N LEU A 50 -10.22 4.90 -21.56
CA LEU A 50 -8.96 5.16 -20.89
C LEU A 50 -8.55 6.60 -21.07
N GLY A 51 -7.91 7.16 -20.05
CA GLY A 51 -7.51 8.54 -20.12
C GLY A 51 -6.08 8.85 -19.73
N ARG A 52 -5.90 9.84 -18.88
CA ARG A 52 -4.56 10.27 -18.50
C ARG A 52 -3.78 9.26 -17.68
N VAL A 53 -2.45 9.37 -17.72
CA VAL A 53 -1.63 8.50 -16.93
C VAL A 53 -1.55 9.05 -15.53
N LEU A 54 -2.18 8.37 -14.58
CA LEU A 54 -2.14 8.82 -13.21
C LEU A 54 -0.73 8.66 -12.69
N GLY A 55 -0.09 7.57 -13.05
CA GLY A 55 1.27 7.33 -12.62
C GLY A 55 1.79 5.94 -12.89
N SER A 56 2.99 5.66 -12.40
CA SER A 56 3.58 4.34 -12.60
C SER A 56 4.28 3.88 -11.33
N GLY A 57 4.29 2.57 -11.09
CA GLY A 57 4.99 2.04 -9.95
C GLY A 57 6.30 1.40 -10.39
N ALA A 58 6.56 0.19 -9.93
CA ALA A 58 7.77 -0.51 -10.35
C ALA A 58 7.64 -0.96 -11.77
N PHE A 59 6.46 -1.44 -12.13
CA PHE A 59 6.24 -1.87 -13.50
C PHE A 59 4.87 -1.43 -13.98
N GLY A 60 4.78 -1.12 -15.27
CA GLY A 60 3.51 -0.74 -15.85
C GLY A 60 3.10 0.67 -15.57
N LYS A 61 1.81 0.95 -15.74
CA LYS A 61 1.31 2.28 -15.50
C LYS A 61 -0.11 2.24 -15.01
N VAL A 62 -0.53 3.29 -14.34
CA VAL A 62 -1.90 3.39 -13.90
C VAL A 62 -2.50 4.56 -14.61
N VAL A 63 -3.63 4.36 -15.26
CA VAL A 63 -4.26 5.42 -16.00
C VAL A 63 -5.64 5.69 -15.49
N GLU A 64 -6.14 6.90 -15.72
CA GLU A 64 -7.48 7.24 -15.33
C GLU A 64 -8.40 6.68 -16.36
N GLY A 65 -9.60 6.30 -15.95
CA GLY A 65 -10.56 5.79 -16.89
C GLY A 65 -12.00 5.93 -16.49
N THR A 66 -12.89 5.84 -17.45
CA THR A 66 -14.31 5.89 -17.15
C THR A 66 -14.92 4.57 -17.55
N ALA A 67 -15.73 4.01 -16.66
CA ALA A 67 -16.32 2.71 -16.93
C ALA A 67 -17.83 2.79 -17.02
N TYR A 68 -18.37 2.19 -18.06
CA TYR A 68 -19.80 2.21 -18.27
C TYR A 68 -20.38 0.83 -18.07
N GLY A 69 -21.23 0.67 -17.07
CA GLY A 69 -21.84 -0.62 -16.81
C GLY A 69 -21.20 -1.46 -15.74
N LEU A 70 -20.20 -0.94 -15.05
CA LEU A 70 -19.56 -1.69 -13.97
C LEU A 70 -20.35 -1.58 -12.67
N SER A 71 -20.83 -0.39 -12.35
CA SER A 71 -21.62 -0.19 -11.13
C SER A 71 -23.05 0.14 -11.46
N ARG A 72 -23.97 -0.45 -10.72
CA ARG A 72 -25.37 -0.13 -10.92
C ARG A 72 -25.66 1.26 -10.39
N SER A 73 -25.10 1.58 -9.24
CA SER A 73 -25.30 2.88 -8.64
C SER A 73 -24.69 3.95 -9.51
N GLN A 74 -23.56 3.65 -10.11
CA GLN A 74 -22.90 4.61 -10.98
C GLN A 74 -22.69 4.01 -12.34
N PRO A 75 -23.60 4.30 -13.26
CA PRO A 75 -23.50 3.77 -14.62
C PRO A 75 -22.24 4.27 -15.30
N VAL A 76 -21.87 5.52 -15.05
CA VAL A 76 -20.61 6.03 -15.58
C VAL A 76 -19.72 6.36 -14.41
N MET A 77 -18.73 5.52 -14.15
CA MET A 77 -17.89 5.71 -12.98
C MET A 77 -16.41 5.90 -13.29
N LYS A 78 -15.77 6.83 -12.60
CA LYS A 78 -14.36 7.07 -12.79
C LYS A 78 -13.57 5.98 -12.12
N VAL A 79 -12.56 5.51 -12.81
CA VAL A 79 -11.80 4.40 -12.28
C VAL A 79 -10.32 4.51 -12.58
N ALA A 80 -9.53 3.64 -12.00
CA ALA A 80 -8.12 3.61 -12.28
C ALA A 80 -7.82 2.29 -12.94
N VAL A 81 -6.94 2.30 -13.92
CA VAL A 81 -6.64 1.08 -14.64
C VAL A 81 -5.15 0.76 -14.64
N LYS A 82 -4.81 -0.43 -14.15
CA LYS A 82 -3.42 -0.86 -14.15
C LYS A 82 -3.15 -1.64 -15.41
N MET A 83 -2.10 -1.26 -16.11
CA MET A 83 -1.78 -1.90 -17.36
C MET A 83 -0.30 -1.91 -17.61
N LEU A 84 0.16 -2.82 -18.45
CA LEU A 84 1.56 -2.86 -18.79
C LEU A 84 1.86 -1.79 -19.81
N LYS A 85 3.06 -1.25 -19.77
CA LYS A 85 3.45 -0.23 -20.73
C LYS A 85 3.80 -0.90 -22.04
N PRO A 86 3.88 -0.10 -23.11
CA PRO A 86 4.27 -0.67 -24.39
C PRO A 86 5.55 -1.46 -24.27
N THR A 87 6.49 -0.98 -23.45
CA THR A 87 7.74 -1.70 -23.24
C THR A 87 7.51 -3.09 -22.65
N SER A 91 7.76 -11.05 -19.33
CA SER A 91 7.91 -11.40 -17.93
C SER A 91 6.98 -10.59 -17.05
N SER A 92 6.32 -9.59 -17.63
CA SER A 92 5.47 -8.73 -16.82
C SER A 92 4.00 -9.07 -16.97
N LYS A 93 3.63 -9.67 -18.08
CA LYS A 93 2.22 -9.96 -18.33
C LYS A 93 1.65 -10.88 -17.29
N GLN A 94 2.39 -11.93 -16.97
CA GLN A 94 1.92 -12.90 -16.00
C GLN A 94 2.05 -12.33 -14.60
N ALA A 95 2.98 -11.41 -14.41
CA ALA A 95 3.09 -10.76 -13.13
C ALA A 95 1.84 -9.93 -12.90
N LEU A 96 1.34 -9.32 -13.95
CA LEU A 96 0.13 -8.54 -13.83
C LEU A 96 -1.01 -9.47 -13.51
N MET A 97 -1.01 -10.63 -14.14
CA MET A 97 -2.07 -11.59 -13.90
C MET A 97 -1.99 -12.05 -12.47
N SER A 98 -0.79 -12.26 -11.97
CA SER A 98 -0.62 -12.67 -10.60
C SER A 98 -1.11 -11.60 -9.68
N GLU A 99 -0.87 -10.35 -10.02
CA GLU A 99 -1.35 -9.24 -9.22
C GLU A 99 -2.85 -9.30 -9.17
N LEU A 100 -3.46 -9.58 -10.30
CA LEU A 100 -4.91 -9.70 -10.36
C LEU A 100 -5.36 -10.83 -9.47
N LYS A 101 -4.65 -11.94 -9.51
CA LYS A 101 -5.05 -13.10 -8.74
C LYS A 101 -5.01 -12.84 -7.24
N ILE A 102 -3.93 -12.24 -6.76
CA ILE A 102 -3.83 -11.96 -5.34
C ILE A 102 -4.94 -11.00 -4.93
N MET A 103 -5.21 -10.02 -5.78
CA MET A 103 -6.24 -9.04 -5.47
C MET A 103 -7.61 -9.66 -5.42
N THR A 104 -7.83 -10.65 -6.28
CA THR A 104 -9.12 -11.33 -6.31
C THR A 104 -9.38 -12.06 -5.02
N HIS A 105 -8.36 -12.70 -4.48
CA HIS A 105 -8.55 -13.51 -3.28
C HIS A 105 -8.33 -12.79 -1.96
N LEU A 106 -7.83 -11.56 -2.01
CA LEU A 106 -7.60 -10.81 -0.79
C LEU A 106 -8.90 -10.51 -0.08
N GLY A 107 -9.93 -10.20 -0.86
CA GLY A 107 -11.19 -9.85 -0.26
C GLY A 107 -11.27 -8.37 0.00
N PRO A 108 -12.40 -7.91 0.50
CA PRO A 108 -12.58 -6.47 0.70
C PRO A 108 -12.04 -5.95 2.02
N HIS A 109 -11.61 -4.69 2.04
CA HIS A 109 -11.15 -4.06 3.27
C HIS A 109 -11.21 -2.56 3.06
N LEU A 110 -11.53 -1.83 4.11
CA LEU A 110 -11.69 -0.38 3.98
C LEU A 110 -10.41 0.32 3.61
N ASN A 111 -9.29 -0.15 4.14
CA ASN A 111 -8.03 0.53 3.90
C ASN A 111 -7.25 -0.11 2.77
N ILE A 112 -7.90 -0.97 2.00
CA ILE A 112 -7.26 -1.57 0.85
C ILE A 112 -8.04 -1.14 -0.36
N VAL A 113 -7.36 -0.64 -1.39
CA VAL A 113 -8.05 -0.17 -2.58
C VAL A 113 -8.85 -1.32 -3.15
N ASN A 114 -9.98 -1.01 -3.78
CA ASN A 114 -10.86 -2.07 -4.27
C ASN A 114 -10.73 -2.46 -5.74
N LEU A 115 -10.74 -3.75 -6.03
CA LEU A 115 -10.72 -4.21 -7.41
C LEU A 115 -12.15 -4.17 -7.90
N LEU A 116 -12.36 -3.59 -9.06
CA LEU A 116 -13.70 -3.46 -9.58
C LEU A 116 -13.93 -4.43 -10.71
N GLY A 117 -12.86 -4.85 -11.36
CA GLY A 117 -12.98 -5.78 -12.46
C GLY A 117 -11.72 -5.87 -13.28
N ALA A 118 -11.79 -6.60 -14.39
CA ALA A 118 -10.61 -6.76 -15.22
C ALA A 118 -10.94 -7.11 -16.65
N CYS A 119 -10.04 -6.75 -17.56
CA CYS A 119 -10.20 -7.08 -18.96
C CYS A 119 -9.07 -8.02 -19.25
N THR A 120 -9.35 -9.31 -19.34
CA THR A 120 -8.28 -10.28 -19.51
C THR A 120 -8.36 -11.06 -20.79
N LYS A 121 -9.44 -10.91 -21.53
CA LYS A 121 -9.61 -11.72 -22.74
C LYS A 121 -9.26 -11.01 -24.02
N SER A 122 -8.69 -11.74 -24.96
CA SER A 122 -8.38 -11.18 -26.28
C SER A 122 -7.73 -9.82 -26.23
N GLY A 123 -6.60 -9.72 -25.56
CA GLY A 123 -5.89 -8.46 -25.52
C GLY A 123 -5.12 -8.24 -24.26
N PRO A 124 -4.46 -7.09 -24.16
CA PRO A 124 -3.65 -6.81 -22.97
C PRO A 124 -4.48 -6.85 -21.71
N ILE A 125 -3.86 -7.25 -20.61
CA ILE A 125 -4.58 -7.31 -19.34
C ILE A 125 -4.81 -5.94 -18.74
N TYR A 126 -6.04 -5.64 -18.39
CA TYR A 126 -6.34 -4.38 -17.75
C TYR A 126 -6.97 -4.68 -16.41
N ILE A 127 -6.40 -4.14 -15.34
CA ILE A 127 -6.96 -4.33 -14.02
C ILE A 127 -7.69 -3.09 -13.57
N ILE A 128 -8.99 -3.19 -13.34
CA ILE A 128 -9.79 -2.02 -12.98
C ILE A 128 -9.89 -1.84 -11.49
N ILE A 129 -9.51 -0.68 -11.00
CA ILE A 129 -9.48 -0.44 -9.58
C ILE A 129 -10.16 0.87 -9.21
N GLU A 130 -10.56 1.00 -7.95
CA GLU A 130 -11.21 2.21 -7.47
C GLU A 130 -10.33 3.45 -7.60
N TYR A 131 -10.94 4.56 -7.99
CA TYR A 131 -10.20 5.81 -8.09
C TYR A 131 -10.38 6.59 -6.81
N CYS A 132 -9.28 7.09 -6.26
CA CYS A 132 -9.35 7.83 -5.00
C CYS A 132 -9.21 9.31 -5.26
N PHE A 133 -10.16 10.10 -4.78
CA PHE A 133 -10.19 11.53 -5.07
C PHE A 133 -8.99 12.36 -4.64
N TYR A 134 -8.54 12.18 -3.41
CA TYR A 134 -7.47 13.02 -2.90
C TYR A 134 -6.08 12.58 -3.35
N GLY A 135 -5.99 11.42 -3.99
CA GLY A 135 -4.71 10.96 -4.51
C GLY A 135 -3.79 10.31 -3.50
N ASP A 136 -2.49 10.35 -3.76
CA ASP A 136 -1.51 9.75 -2.86
C ASP A 136 -1.19 10.66 -1.68
N LEU A 137 -0.76 10.07 -0.59
CA LEU A 137 -0.44 10.85 0.60
C LEU A 137 0.71 11.81 0.36
N VAL A 138 1.69 11.40 -0.44
CA VAL A 138 2.84 12.25 -0.65
C VAL A 138 2.40 13.61 -1.14
N ASN A 139 1.59 13.62 -2.18
CA ASN A 139 1.14 14.88 -2.75
C ASN A 139 0.21 15.61 -1.80
N TYR A 140 -0.64 14.86 -1.11
CA TYR A 140 -1.57 15.47 -0.19
C TYR A 140 -0.81 16.15 0.92
N LEU A 141 0.15 15.46 1.50
CA LEU A 141 0.90 16.02 2.60
C LEU A 141 1.64 17.25 2.12
N HIS A 142 2.13 17.21 0.90
CA HIS A 142 2.83 18.36 0.36
C HIS A 142 1.94 19.57 0.17
N LYS A 143 0.80 19.40 -0.48
CA LYS A 143 -0.09 20.52 -0.75
C LYS A 143 -0.71 21.09 0.51
N ASN A 144 -0.80 20.27 1.55
CA ASN A 144 -1.37 20.72 2.80
C ASN A 144 -0.31 20.93 3.85
N ARG A 145 0.91 21.22 3.41
CA ARG A 145 2.01 21.42 4.35
C ARG A 145 1.82 22.68 5.14
N ASP A 146 1.64 23.80 4.44
CA ASP A 146 1.51 25.07 5.13
C ASP A 146 0.33 25.06 6.07
N SER A 147 -0.72 24.36 5.70
CA SER A 147 -1.87 24.24 6.58
C SER A 147 -1.46 23.66 7.92
N PHE A 148 -0.38 22.89 7.95
CA PHE A 148 0.05 22.26 9.18
C PHE A 148 0.62 23.33 10.08
N LEU A 149 -0.25 24.04 10.80
CA LEU A 149 0.18 25.11 11.70
C LEU A 149 -0.91 25.44 12.70
N GLY A 172 -6.20 22.90 7.71
CA GLY A 172 -6.69 21.64 7.18
C GLY A 172 -5.95 20.44 7.73
N LEU A 173 -4.75 20.20 7.24
CA LEU A 173 -3.98 19.05 7.70
C LEU A 173 -3.63 19.23 9.16
N THR A 174 -3.91 18.20 9.97
CA THR A 174 -3.65 18.30 11.40
C THR A 174 -2.95 17.07 11.91
N LEU A 175 -2.31 17.18 13.06
CA LEU A 175 -1.56 16.07 13.62
C LEU A 175 -2.43 14.85 13.80
N LEU A 176 -3.68 15.06 14.18
CA LEU A 176 -4.58 13.94 14.39
C LEU A 176 -4.77 13.22 13.07
N ASP A 177 -4.82 13.99 11.99
CA ASP A 177 -4.99 13.39 10.67
C ASP A 177 -3.85 12.44 10.41
N LEU A 178 -2.63 12.88 10.68
CA LEU A 178 -1.47 12.05 10.43
C LEU A 178 -1.58 10.76 11.20
N LEU A 179 -1.96 10.84 12.47
CA LEU A 179 -2.09 9.65 13.28
C LEU A 179 -3.17 8.73 12.74
N SER A 180 -4.23 9.31 12.21
CA SER A 180 -5.31 8.50 11.66
C SER A 180 -4.80 7.71 10.47
N PHE A 181 -4.06 8.37 9.60
CA PHE A 181 -3.51 7.68 8.45
C PHE A 181 -2.64 6.55 8.93
N THR A 182 -1.83 6.82 9.94
CA THR A 182 -0.94 5.81 10.47
C THR A 182 -1.72 4.62 10.97
N TYR A 183 -2.80 4.87 11.69
CA TYR A 183 -3.60 3.78 12.21
C TYR A 183 -4.24 2.94 11.13
N GLN A 184 -4.80 3.60 10.14
CA GLN A 184 -5.50 2.87 9.09
C GLN A 184 -4.57 2.01 8.26
N VAL A 185 -3.39 2.53 7.96
CA VAL A 185 -2.45 1.76 7.17
C VAL A 185 -2.09 0.52 7.95
N ALA A 186 -1.94 0.66 9.25
CA ALA A 186 -1.60 -0.48 10.08
C ALA A 186 -2.68 -1.53 10.01
N ARG A 187 -3.92 -1.10 10.02
CA ARG A 187 -5.03 -2.03 9.94
C ARG A 187 -5.06 -2.76 8.62
N GLY A 188 -4.89 -2.05 7.52
CA GLY A 188 -4.88 -2.67 6.21
C GLY A 188 -3.74 -3.64 6.07
N MET A 189 -2.59 -3.30 6.63
CA MET A 189 -1.44 -4.19 6.57
C MET A 189 -1.73 -5.42 7.38
N GLU A 190 -2.47 -5.26 8.47
CA GLU A 190 -2.84 -6.40 9.29
C GLU A 190 -3.71 -7.32 8.46
N PHE A 191 -4.62 -6.74 7.69
CA PHE A 191 -5.48 -7.52 6.84
C PHE A 191 -4.68 -8.31 5.83
N LEU A 192 -3.69 -7.69 5.24
CA LEU A 192 -2.90 -8.36 4.21
C LEU A 192 -2.08 -9.48 4.80
N ALA A 193 -1.53 -9.25 5.98
CA ALA A 193 -0.76 -10.28 6.65
C ALA A 193 -1.67 -11.43 7.01
N SER A 194 -2.91 -11.11 7.37
CA SER A 194 -3.87 -12.16 7.69
C SER A 194 -4.07 -13.00 6.46
N LYS A 195 -4.07 -12.37 5.30
CA LYS A 195 -4.28 -13.09 4.05
C LYS A 195 -2.95 -13.61 3.53
N ASN A 196 -1.93 -13.60 4.38
CA ASN A 196 -0.61 -14.08 3.98
C ASN A 196 -0.07 -13.34 2.77
N CYS A 197 -0.17 -12.02 2.79
CA CYS A 197 0.31 -11.22 1.68
C CYS A 197 1.40 -10.27 2.06
N VAL A 198 2.52 -10.31 1.35
CA VAL A 198 3.58 -9.36 1.59
C VAL A 198 3.56 -8.35 0.44
N HIS A 199 3.20 -7.11 0.74
CA HIS A 199 3.08 -6.08 -0.30
C HIS A 199 4.39 -5.79 -0.98
N ARG A 200 5.46 -5.66 -0.19
CA ARG A 200 6.79 -5.42 -0.75
C ARG A 200 6.97 -4.03 -1.35
N ASP A 201 5.96 -3.16 -1.23
CA ASP A 201 6.10 -1.79 -1.72
C ASP A 201 5.27 -0.80 -0.92
N LEU A 202 5.31 -0.92 0.40
CA LEU A 202 4.57 0.01 1.24
C LEU A 202 5.30 1.33 1.29
N ALA A 203 4.61 2.38 0.84
CA ALA A 203 5.21 3.70 0.82
C ALA A 203 4.09 4.70 0.67
N ALA A 204 4.39 5.97 0.89
CA ALA A 204 3.35 7.00 0.83
C ALA A 204 2.81 7.16 -0.59
N ARG A 205 3.61 6.81 -1.58
CA ARG A 205 3.15 6.89 -2.94
C ARG A 205 2.06 5.88 -3.18
N ASN A 206 2.05 4.81 -2.39
CA ASN A 206 1.08 3.75 -2.59
C ASN A 206 0.01 3.76 -1.53
N VAL A 207 -0.07 4.83 -0.75
CA VAL A 207 -1.16 4.96 0.21
C VAL A 207 -2.04 6.06 -0.32
N LEU A 208 -3.29 5.74 -0.65
CA LEU A 208 -4.16 6.73 -1.25
C LEU A 208 -5.21 7.26 -0.29
N LEU A 209 -5.73 8.45 -0.59
CA LEU A 209 -6.75 9.05 0.26
C LEU A 209 -8.07 9.15 -0.48
N ALA A 210 -9.09 8.47 0.03
CA ALA A 210 -10.39 8.52 -0.58
C ALA A 210 -11.29 9.51 0.12
N GLN A 211 -12.50 9.67 -0.40
CA GLN A 211 -13.44 10.60 0.22
C GLN A 211 -13.69 10.19 1.65
N GLY A 212 -13.78 11.17 2.54
CA GLY A 212 -13.95 10.86 3.94
C GLY A 212 -12.60 10.68 4.58
N LYS A 213 -11.56 11.06 3.86
CA LYS A 213 -10.20 10.92 4.36
C LYS A 213 -9.94 9.50 4.83
N ILE A 214 -10.42 8.53 4.06
CA ILE A 214 -10.15 7.13 4.39
C ILE A 214 -8.99 6.66 3.53
N VAL A 215 -7.97 6.09 4.15
CA VAL A 215 -6.78 5.70 3.41
C VAL A 215 -6.96 4.36 2.72
N LYS A 216 -6.28 4.19 1.59
CA LYS A 216 -6.36 2.96 0.84
C LYS A 216 -4.98 2.56 0.37
N ILE A 217 -4.57 1.33 0.66
CA ILE A 217 -3.29 0.85 0.18
C ILE A 217 -3.42 0.31 -1.23
N CYS A 218 -2.44 0.61 -2.09
CA CYS A 218 -2.52 0.17 -3.46
C CYS A 218 -1.21 -0.37 -4.00
N ASP A 219 -1.16 -0.60 -5.31
CA ASP A 219 0.05 -1.08 -5.98
C ASP A 219 0.57 -2.42 -5.52
N PHE A 220 -0.07 -3.48 -5.96
CA PHE A 220 0.48 -4.79 -5.69
C PHE A 220 1.35 -5.01 -6.91
N GLY A 221 1.75 -6.23 -7.21
CA GLY A 221 2.65 -6.43 -8.33
C GLY A 221 4.00 -6.87 -7.85
N LEU A 222 4.43 -6.34 -6.72
CA LEU A 222 5.66 -6.81 -6.12
C LEU A 222 5.16 -7.70 -5.02
N ALA A 223 3.85 -7.74 -4.84
CA ALA A 223 3.28 -8.51 -3.76
C ALA A 223 3.36 -10.00 -3.97
N ARG A 224 3.68 -10.73 -2.92
CA ARG A 224 3.80 -12.18 -3.02
C ARG A 224 3.04 -12.86 -1.92
N ASP A 225 2.74 -14.14 -2.11
CA ASP A 225 2.07 -14.89 -1.07
C ASP A 225 3.12 -15.72 -0.40
N ILE A 226 3.35 -15.50 0.88
CA ILE A 226 4.34 -16.25 1.62
C ILE A 226 4.67 -17.57 0.95
N THR A 238 14.20 -6.44 -12.37
CA THR A 238 13.22 -5.69 -11.60
C THR A 238 13.88 -4.62 -10.76
N PHE A 239 13.29 -3.42 -10.77
CA PHE A 239 13.82 -2.33 -9.98
C PHE A 239 13.07 -2.34 -8.67
N LEU A 240 13.78 -2.14 -7.57
CA LEU A 240 13.15 -2.24 -6.27
C LEU A 240 13.24 -0.98 -5.42
N PRO A 241 12.26 -0.78 -4.54
CA PRO A 241 12.23 0.41 -3.67
C PRO A 241 13.19 0.30 -2.51
N VAL A 242 14.49 0.42 -2.75
CA VAL A 242 15.49 0.20 -1.70
C VAL A 242 15.33 1.01 -0.41
N LYS A 243 15.12 2.32 -0.52
CA LYS A 243 15.06 3.14 0.68
C LYS A 243 13.90 2.78 1.58
N TRP A 244 13.06 1.85 1.14
CA TRP A 244 11.93 1.42 1.94
C TRP A 244 12.08 -0.04 2.29
N MET A 245 13.16 -0.65 1.82
CA MET A 245 13.35 -2.08 2.04
C MET A 245 14.21 -2.42 3.24
N ALA A 246 13.90 -3.54 3.86
CA ALA A 246 14.66 -3.98 5.03
C ALA A 246 15.97 -4.63 4.63
N PRO A 247 16.93 -4.61 5.53
CA PRO A 247 18.25 -5.15 5.22
C PRO A 247 18.22 -6.62 4.75
N GLU A 248 17.39 -7.44 5.38
CA GLU A 248 17.29 -8.84 4.98
C GLU A 248 16.79 -8.96 3.56
N SER A 249 15.87 -8.09 3.17
CA SER A 249 15.32 -8.16 1.84
C SER A 249 16.34 -7.74 0.79
N ILE A 250 17.12 -6.71 1.09
CA ILE A 250 18.11 -6.24 0.15
C ILE A 250 19.31 -7.14 0.06
N PHE A 251 19.84 -7.54 1.19
CA PHE A 251 21.05 -8.35 1.19
C PHE A 251 20.81 -9.85 1.09
N ASP A 252 19.65 -10.33 1.52
CA ASP A 252 19.42 -11.77 1.53
C ASP A 252 18.15 -12.20 0.82
N ASN A 253 17.53 -11.27 0.10
CA ASN A 253 16.34 -11.59 -0.66
C ASN A 253 15.28 -12.27 0.18
N LEU A 254 15.14 -11.84 1.43
CA LEU A 254 14.12 -12.42 2.29
C LEU A 254 13.02 -11.42 2.53
N TYR A 255 11.79 -11.80 2.23
CA TYR A 255 10.67 -10.89 2.38
C TYR A 255 9.59 -11.51 3.24
N THR A 256 9.20 -10.80 4.29
CA THR A 256 8.15 -11.27 5.16
C THR A 256 7.26 -10.13 5.56
N THR A 257 6.30 -10.39 6.43
CA THR A 257 5.45 -9.32 6.92
C THR A 257 6.32 -8.38 7.69
N LEU A 258 7.33 -8.90 8.35
CA LEU A 258 8.22 -8.08 9.15
C LEU A 258 9.03 -7.15 8.29
N SER A 259 9.32 -7.55 7.06
CA SER A 259 10.02 -6.65 6.16
C SER A 259 9.11 -5.48 5.82
N ASP A 260 7.81 -5.75 5.72
CA ASP A 260 6.85 -4.70 5.45
C ASP A 260 6.74 -3.76 6.63
N VAL A 261 6.99 -4.29 7.82
CA VAL A 261 6.95 -3.47 9.02
C VAL A 261 8.04 -2.42 8.95
N TRP A 262 9.19 -2.78 8.40
CA TRP A 262 10.25 -1.81 8.22
C TRP A 262 9.78 -0.72 7.29
N SER A 263 9.10 -1.10 6.23
CA SER A 263 8.59 -0.12 5.27
C SER A 263 7.59 0.79 5.92
N TYR A 264 6.80 0.26 6.84
CA TYR A 264 5.84 1.06 7.57
C TYR A 264 6.55 2.16 8.34
N GLY A 265 7.70 1.82 8.93
CA GLY A 265 8.48 2.81 9.64
C GLY A 265 8.96 3.89 8.72
N ILE A 266 9.43 3.49 7.55
CA ILE A 266 9.87 4.46 6.56
C ILE A 266 8.68 5.29 6.14
N LEU A 267 7.51 4.67 6.08
CA LEU A 267 6.30 5.41 5.73
C LEU A 267 5.96 6.44 6.78
N LEU A 268 6.09 6.05 8.03
CA LEU A 268 5.79 6.98 9.11
C LEU A 268 6.69 8.18 9.05
N TRP A 269 7.96 7.96 8.72
CA TRP A 269 8.88 9.07 8.58
C TRP A 269 8.43 9.96 7.45
N GLU A 270 7.92 9.37 6.39
CA GLU A 270 7.40 10.15 5.29
C GLU A 270 6.22 10.98 5.73
N ILE A 271 5.32 10.38 6.49
CA ILE A 271 4.13 11.08 6.93
C ILE A 271 4.47 12.21 7.87
N PHE A 272 5.33 11.94 8.85
CA PHE A 272 5.63 12.95 9.85
C PHE A 272 6.72 13.89 9.39
N SER A 273 7.16 13.75 8.15
CA SER A 273 8.10 14.68 7.59
C SER A 273 7.27 15.45 6.62
N LEU A 274 5.97 15.14 6.58
CA LEU A 274 5.06 15.82 5.67
C LEU A 274 5.51 15.71 4.23
N GLY A 275 5.73 14.48 3.76
CA GLY A 275 6.10 14.27 2.37
C GLY A 275 7.58 14.25 2.07
N GLY A 276 8.39 14.03 3.08
CA GLY A 276 9.82 14.02 2.88
C GLY A 276 10.35 12.79 2.21
N THR A 277 11.43 12.94 1.47
CA THR A 277 12.04 11.80 0.82
C THR A 277 12.97 11.10 1.79
N PRO A 278 12.80 9.79 1.95
CA PRO A 278 13.62 9.04 2.90
C PRO A 278 15.10 9.20 2.61
N TYR A 279 15.92 9.23 3.66
CA TYR A 279 17.35 9.40 3.49
C TYR A 279 17.63 10.59 2.61
N PRO A 280 17.25 11.78 3.07
CA PRO A 280 17.37 12.98 2.23
C PRO A 280 18.79 13.33 1.86
N GLY A 281 19.09 13.36 0.57
CA GLY A 281 20.42 13.71 0.12
C GLY A 281 21.30 12.52 -0.13
N MET A 282 20.93 11.38 0.43
CA MET A 282 21.75 10.19 0.29
C MET A 282 21.43 9.46 -0.98
N MET A 283 22.47 9.11 -1.74
CA MET A 283 22.27 8.35 -2.96
C MET A 283 22.54 6.89 -2.67
N VAL A 284 21.74 6.01 -3.22
CA VAL A 284 21.90 4.59 -2.93
C VAL A 284 23.16 4.08 -3.60
N ASP A 285 24.14 3.70 -2.78
CA ASP A 285 25.38 3.22 -3.30
C ASP A 285 26.04 2.33 -2.29
N SER A 286 27.28 1.96 -2.54
CA SER A 286 27.99 1.07 -1.63
C SER A 286 27.96 1.59 -0.21
N THR A 287 28.15 2.89 -0.04
CA THR A 287 28.20 3.47 1.28
C THR A 287 26.84 3.38 1.97
N PHE A 288 25.78 3.60 1.22
CA PHE A 288 24.45 3.53 1.79
C PHE A 288 24.21 2.18 2.40
N TYR A 289 24.56 1.14 1.66
CA TYR A 289 24.33 -0.21 2.14
C TYR A 289 25.20 -0.52 3.34
N ASN A 290 26.45 -0.09 3.31
CA ASN A 290 27.35 -0.34 4.42
C ASN A 290 26.83 0.31 5.68
N LYS A 291 26.31 1.52 5.54
CA LYS A 291 25.79 2.23 6.68
C LYS A 291 24.58 1.53 7.27
N ILE A 292 23.64 1.16 6.42
CA ILE A 292 22.42 0.52 6.92
C ILE A 292 22.80 -0.80 7.54
N LYS A 293 23.77 -1.48 6.95
CA LYS A 293 24.24 -2.73 7.52
C LYS A 293 24.83 -2.46 8.88
N SER A 294 25.61 -1.40 8.98
CA SER A 294 26.24 -1.05 10.24
C SER A 294 25.21 -0.56 11.24
N GLY A 295 24.01 -0.23 10.78
CA GLY A 295 22.95 0.16 11.70
C GLY A 295 22.43 1.57 11.59
N TYR A 296 22.78 2.28 10.54
CA TYR A 296 22.32 3.65 10.37
C TYR A 296 20.82 3.72 10.23
N ARG A 297 20.22 4.65 10.95
CA ARG A 297 18.80 4.84 10.87
C ARG A 297 18.54 6.32 10.76
N MET A 298 17.44 6.70 10.13
CA MET A 298 17.10 8.11 9.99
C MET A 298 16.75 8.72 11.33
N ALA A 299 16.95 10.02 11.45
CA ALA A 299 16.64 10.70 12.70
C ALA A 299 15.18 11.09 12.78
N LYS A 300 14.76 11.57 13.94
CA LYS A 300 13.37 11.94 14.12
C LYS A 300 12.95 12.99 13.14
N PRO A 301 11.79 12.80 12.51
CA PRO A 301 11.28 13.84 11.62
C PRO A 301 10.84 15.06 12.40
N ASP A 302 10.79 16.21 11.75
CA ASP A 302 10.47 17.46 12.45
C ASP A 302 9.11 17.52 13.12
N HIS A 303 8.10 16.93 12.51
CA HIS A 303 6.75 17.02 13.07
C HIS A 303 6.32 15.71 13.69
N ALA A 304 7.26 15.01 14.30
CA ALA A 304 6.97 13.72 14.91
C ALA A 304 7.13 13.72 16.41
N THR A 305 6.21 13.07 17.11
CA THR A 305 6.31 12.97 18.55
C THR A 305 7.31 11.91 18.93
N SER A 306 7.74 11.91 20.18
CA SER A 306 8.68 10.90 20.63
C SER A 306 8.04 9.54 20.56
N GLU A 307 6.74 9.49 20.84
CA GLU A 307 6.03 8.23 20.81
C GLU A 307 6.00 7.61 19.42
N VAL A 308 5.75 8.42 18.39
CA VAL A 308 5.70 7.90 17.04
C VAL A 308 7.10 7.53 16.55
N TYR A 309 8.10 8.30 16.91
CA TYR A 309 9.46 8.00 16.50
C TYR A 309 9.87 6.67 17.09
N GLU A 310 9.40 6.40 18.30
CA GLU A 310 9.70 5.13 18.93
C GLU A 310 9.12 4.01 18.11
N ILE A 311 7.93 4.23 17.59
CA ILE A 311 7.33 3.22 16.74
C ILE A 311 8.23 2.95 15.56
N MET A 312 8.73 4.02 14.94
CA MET A 312 9.62 3.85 13.81
C MET A 312 10.86 3.08 14.22
N VAL A 313 11.41 3.40 15.39
CA VAL A 313 12.64 2.75 15.82
C VAL A 313 12.42 1.26 16.00
N LYS A 314 11.30 0.89 16.59
CA LYS A 314 11.01 -0.51 16.76
C LYS A 314 10.90 -1.17 15.40
N CYS A 315 10.25 -0.50 14.47
CA CYS A 315 10.05 -1.07 13.15
C CYS A 315 11.37 -1.27 12.44
N TRP A 316 12.41 -0.57 12.88
CA TRP A 316 13.69 -0.65 12.19
C TRP A 316 14.72 -1.47 12.95
N ASN A 317 14.27 -2.47 13.69
CA ASN A 317 15.20 -3.33 14.40
C ASN A 317 15.87 -4.22 13.40
N SER A 318 17.15 -4.47 13.60
CA SER A 318 17.89 -5.33 12.71
C SER A 318 17.30 -6.73 12.75
N GLU A 319 16.84 -7.14 13.92
CA GLU A 319 16.24 -8.46 14.05
C GLU A 319 14.80 -8.42 13.63
N PRO A 320 14.48 -9.03 12.49
CA PRO A 320 13.12 -8.96 11.98
C PRO A 320 12.12 -9.44 13.00
N GLU A 321 12.48 -10.48 13.73
CA GLU A 321 11.56 -11.07 14.69
C GLU A 321 11.30 -10.17 15.90
N LYS A 322 12.09 -9.11 16.05
CA LYS A 322 11.92 -8.22 17.17
C LYS A 322 11.14 -6.98 16.79
N ARG A 323 10.81 -6.85 15.52
CA ARG A 323 10.01 -5.72 15.07
C ARG A 323 8.56 -5.93 15.44
N PRO A 324 7.83 -4.84 15.64
CA PRO A 324 6.42 -4.95 16.05
C PRO A 324 5.47 -5.44 14.95
N SER A 325 4.47 -6.23 15.33
CA SER A 325 3.49 -6.74 14.37
C SER A 325 2.48 -5.68 14.04
N PHE A 326 1.80 -5.84 12.92
CA PHE A 326 0.80 -4.86 12.53
C PHE A 326 -0.31 -4.91 13.53
N TYR A 327 -0.67 -6.11 13.99
CA TYR A 327 -1.65 -6.14 15.07
C TYR A 327 -1.16 -5.31 16.24
N HIS A 328 0.01 -5.66 16.79
CA HIS A 328 0.61 -4.89 17.86
C HIS A 328 0.72 -3.41 17.50
N LEU A 329 1.08 -3.10 16.26
CA LEU A 329 1.25 -1.70 15.89
C LEU A 329 -0.06 -0.96 15.96
N SER A 330 -1.14 -1.65 15.63
CA SER A 330 -2.44 -1.01 15.63
C SER A 330 -2.84 -0.52 17.01
N GLU A 331 -2.67 -1.38 18.01
CA GLU A 331 -3.04 -1.00 19.36
C GLU A 331 -2.27 0.22 19.83
N ILE A 332 -0.98 0.25 19.54
CA ILE A 332 -0.15 1.35 20.01
C ILE A 332 -0.68 2.66 19.45
N VAL A 333 -0.93 2.68 18.16
CA VAL A 333 -1.38 3.91 17.55
C VAL A 333 -2.75 4.29 18.11
N GLU A 334 -3.59 3.29 18.37
CA GLU A 334 -4.90 3.55 18.95
C GLU A 334 -4.77 4.43 20.17
N ASN A 335 -3.86 4.05 21.07
CA ASN A 335 -3.67 4.81 22.29
C ASN A 335 -3.27 6.24 21.99
N LEU A 336 -2.56 6.43 20.88
CA LEU A 336 -2.08 7.77 20.55
C LEU A 336 -3.21 8.66 20.06
N LEU A 337 -4.39 8.08 19.91
CA LEU A 337 -5.53 8.85 19.41
C LEU A 337 -6.70 8.75 20.37
N PRO A 338 -7.70 9.65 20.21
CA PRO A 338 -8.89 9.54 21.06
C PRO A 338 -9.56 8.18 20.97
N GLY A 339 -10.01 7.65 22.11
CA GLY A 339 -10.68 6.37 22.13
C GLY A 339 -11.97 6.40 21.34
N GLN A 340 -12.48 7.60 21.11
CA GLN A 340 -13.68 7.73 20.31
C GLN A 340 -13.39 7.35 18.87
N TYR A 341 -12.14 7.49 18.46
CA TYR A 341 -11.77 7.17 17.10
C TYR A 341 -12.08 5.73 16.76
N LYS A 342 -11.68 4.81 17.61
CA LYS A 342 -11.88 3.41 17.30
C LYS A 342 -13.31 3.12 16.93
N LYS A 343 -14.24 3.63 17.72
CA LYS A 343 -15.64 3.33 17.46
C LYS A 343 -16.06 3.83 16.10
N SER A 344 -15.75 5.08 15.81
CA SER A 344 -16.14 5.66 14.53
C SER A 344 -15.52 4.87 13.40
N TYR A 345 -14.26 4.49 13.56
CA TYR A 345 -13.60 3.69 12.55
C TYR A 345 -14.37 2.41 12.34
N GLU A 346 -14.76 1.75 13.42
CA GLU A 346 -15.45 0.48 13.29
C GLU A 346 -16.77 0.66 12.58
N LYS A 347 -17.42 1.78 12.79
CA LYS A 347 -18.70 2.02 12.16
C LYS A 347 -18.49 2.08 10.68
N ILE A 348 -17.52 2.85 10.26
CA ILE A 348 -17.21 2.96 8.85
C ILE A 348 -16.80 1.60 8.34
N HIS A 349 -16.05 0.86 9.13
CA HIS A 349 -15.54 -0.43 8.68
C HIS A 349 -16.62 -1.48 8.65
N LEU A 350 -17.82 -1.15 9.08
CA LEU A 350 -18.92 -2.10 9.00
C LEU A 350 -19.83 -1.67 7.88
N ASP A 351 -19.95 -0.37 7.68
CA ASP A 351 -20.74 0.13 6.59
C ASP A 351 -20.11 -0.29 5.28
N PHE A 352 -18.83 0.01 5.13
CA PHE A 352 -18.10 -0.37 3.92
C PHE A 352 -18.56 -1.74 3.45
N LEU A 353 -18.66 -2.67 4.37
CA LEU A 353 -19.13 -4.02 4.05
C LEU A 353 -20.66 -4.09 4.02
C14 A1LV8 B . -5.70 6.95 -7.84
C10 A1LV8 B . -2.02 0.39 -8.74
C12 A1LV8 B . -6.36 4.92 -7.53
C01 A1LV8 B . -0.63 0.53 -8.75
C02 A1LV8 B . -0.06 1.79 -8.55
C03 A1LV8 B . -0.87 2.89 -8.36
C04 A1LV8 B . -2.29 2.74 -8.35
C06 A1LV8 B . -4.39 3.77 -8.12
C07 A1LV8 B . -5.03 2.54 -8.32
C08 A1LV8 B . -4.27 1.41 -8.52
C09 A1LV8 B . -2.85 1.52 -8.53
C15 A1LV8 B . -5.53 8.35 -7.96
C16 A1LV8 B . -4.31 8.88 -8.38
C17 A1LV8 B . -3.25 8.03 -8.69
C18 A1LV8 B . -3.42 6.66 -8.57
C19 A1LV8 B . -4.65 6.12 -8.15
C21 A1LV8 B . -1.72 9.79 -8.60
C22 A1LV8 B . -0.38 9.72 -7.90
C23 A1LV8 B . 0.60 8.76 -8.56
C25 A1LV8 B . 1.14 6.63 -7.58
C26 A1LV8 B . 1.06 6.14 -9.02
C27 A1LV8 B . 0.77 4.64 -9.07
C29 A1LV8 B . -0.38 4.80 -6.84
C30 A1LV8 B . -0.13 6.29 -6.82
N05 A1LV8 B . -3.07 3.84 -8.15
N11 A1LV8 B . -5.09 4.85 -7.94
N13 A1LV8 B . -6.75 6.19 -7.46
N24 A1LV8 B . 1.36 8.07 -7.54
N28 A1LV8 B . -0.26 4.20 -8.15
O20 A1LV8 B . -2.03 8.54 -9.11
#